data_2VWU
#
_entry.id   2VWU
#
_cell.length_a   46.490
_cell.length_b   53.479
_cell.length_c   61.392
_cell.angle_alpha   90.00
_cell.angle_beta   111.15
_cell.angle_gamma   90.00
#
_symmetry.space_group_name_H-M   'P 1 21 1'
#
loop_
_entity.id
_entity.type
_entity.pdbx_description
1 polymer 'EPHRIN TYPE-B RECEPTOR 4'
2 non-polymer N-(5-chloro-1,3-benzodioxol-4-yl)-6-methoxy-7-(3-piperidin-1-ylpropoxy)quinazolin-4-amine
3 water water
#
_entity_poly.entity_id   1
_entity_poly.type   'polypeptide(L)'
_entity_poly.pdbx_seq_one_letter_code
;DPNEAVREFAKEIDVSYVKIEEVIGAGEFGEVCRGRLKAPGKKESCVAIKTLKGGYTERQRREFLSEASIMGQFEHPNII
RLEGVVTNSMPVMILTEFMENGALDSFLRLNDGQFTVIQLVGMLRGIASGMRYLAEMSYVHRDLAARNILVNSNLVCKVS
DFGLSRFLEENSSDPTETSSLGGKIPIRWTAPEAIAFRKFTSASDAWSYGIVMWEVMSFGERPYWDMSNQDVINAIEQDY
RLPPPPDCPTSLHQLMLDCWQKDRNARPRFPQVVSALDKMIRNPASLKIVARENGGASHPLL
;
_entity_poly.pdbx_strand_id   A
#
# COMPACT_ATOMS: atom_id res chain seq x y z
N GLU A 12 -24.79 7.83 6.40
CA GLU A 12 -24.23 6.42 6.41
C GLU A 12 -24.16 5.84 7.82
N ILE A 13 -23.41 6.49 8.72
CA ILE A 13 -23.28 6.04 10.12
C ILE A 13 -23.77 7.11 11.09
N ASP A 14 -24.65 6.70 12.00
CA ASP A 14 -25.13 7.53 13.09
C ASP A 14 -23.97 7.85 14.05
N VAL A 15 -23.81 9.14 14.38
CA VAL A 15 -22.65 9.61 15.15
C VAL A 15 -22.62 9.05 16.57
N SER A 16 -23.80 8.77 17.12
CA SER A 16 -23.92 8.13 18.43
C SER A 16 -23.28 6.72 18.48
N TYR A 17 -23.10 6.09 17.33
CA TYR A 17 -22.48 4.75 17.28
C TYR A 17 -20.96 4.80 17.36
N VAL A 18 -20.40 6.01 17.27
CA VAL A 18 -18.96 6.23 17.20
C VAL A 18 -18.42 6.79 18.51
N LYS A 19 -17.39 6.14 19.03
CA LYS A 19 -16.66 6.61 20.20
C LYS A 19 -15.20 6.88 19.83
N ILE A 20 -14.84 8.15 19.76
CA ILE A 20 -13.49 8.58 19.42
C ILE A 20 -12.60 8.48 20.66
N GLU A 21 -11.60 7.60 20.59
CA GLU A 21 -10.58 7.50 21.62
C GLU A 21 -9.32 8.25 21.15
N GLU A 22 -8.15 7.66 21.37
CA GLU A 22 -6.82 8.30 21.27
C GLU A 22 -6.54 8.91 19.87
N VAL A 23 -5.92 10.09 19.83
CA VAL A 23 -5.38 10.62 18.56
C VAL A 23 -4.09 9.83 18.27
N ILE A 24 -3.96 9.31 17.05
CA ILE A 24 -2.85 8.41 16.70
C ILE A 24 -2.07 8.84 15.47
N GLY A 25 -2.52 9.88 14.79
CA GLY A 25 -1.85 10.32 13.57
C GLY A 25 -2.31 11.68 13.08
N ALA A 26 -1.72 12.09 11.96
CA ALA A 26 -2.08 13.30 11.25
C ALA A 26 -2.19 12.96 9.76
N GLY A 27 -3.30 13.36 9.15
CA GLY A 27 -3.51 13.15 7.72
C GLY A 27 -3.53 14.47 6.97
N GLU A 28 -3.80 14.39 5.67
CA GLU A 28 -3.78 15.56 4.80
C GLU A 28 -4.77 16.66 5.23
N PHE A 29 -5.93 16.25 5.76
CA PHE A 29 -7.01 17.17 6.11
C PHE A 29 -7.26 17.30 7.61
N GLY A 30 -6.54 16.53 8.43
CA GLY A 30 -6.76 16.57 9.87
C GLY A 30 -6.24 15.37 10.62
N GLU A 31 -6.83 15.10 11.78
CA GLU A 31 -6.32 14.09 12.69
C GLU A 31 -6.74 12.68 12.24
N VAL A 32 -6.00 11.69 12.73
CA VAL A 32 -6.42 10.30 12.63
C VAL A 32 -6.49 9.76 14.04
N CYS A 33 -7.66 9.21 14.40
CA CYS A 33 -7.89 8.69 15.75
C CYS A 33 -8.21 7.19 15.76
N ARG A 34 -7.98 6.56 16.90
CA ARG A 34 -8.54 5.24 17.18
C ARG A 34 -9.88 5.43 17.86
N GLY A 35 -10.80 4.51 17.61
CA GLY A 35 -12.13 4.56 18.23
C GLY A 35 -12.89 3.25 18.15
N ARG A 36 -14.13 3.30 18.60
CA ARG A 36 -15.01 2.13 18.64
C ARG A 36 -16.33 2.41 17.90
N LEU A 37 -16.72 1.46 17.05
CA LEU A 37 -17.96 1.52 16.31
C LEU A 37 -18.87 0.43 16.85
N LYS A 38 -20.08 0.81 17.26
CA LYS A 38 -21.07 -0.13 17.83
C LYS A 38 -22.43 0.25 17.27
N ALA A 39 -22.90 -0.56 16.34
CA ALA A 39 -24.20 -0.38 15.71
C ALA A 39 -25.18 -1.41 16.27
N PRO A 40 -26.47 -1.06 16.31
CA PRO A 40 -27.47 -2.03 16.76
C PRO A 40 -27.42 -3.36 16.00
N GLY A 41 -27.45 -4.46 16.75
CA GLY A 41 -27.44 -5.80 16.17
C GLY A 41 -26.06 -6.33 15.81
N LYS A 42 -25.01 -5.54 16.05
CA LYS A 42 -23.66 -5.96 15.72
C LYS A 42 -22.73 -5.76 16.91
N LYS A 43 -21.72 -6.61 17.01
CA LYS A 43 -20.74 -6.50 18.08
C LYS A 43 -19.93 -5.23 17.81
N GLU A 44 -19.36 -4.66 18.86
CA GLU A 44 -18.51 -3.49 18.74
C GLU A 44 -17.30 -3.88 17.89
N SER A 45 -16.79 -2.94 17.09
CA SER A 45 -15.53 -3.16 16.38
C SER A 45 -14.59 -1.98 16.56
N CYS A 46 -13.31 -2.25 16.37
CA CYS A 46 -12.29 -1.24 16.53
C CYS A 46 -12.06 -0.53 15.19
N VAL A 47 -12.08 0.80 15.20
CA VAL A 47 -11.94 1.60 13.97
C VAL A 47 -10.85 2.70 14.07
N ALA A 48 -10.30 3.02 12.90
CA ALA A 48 -9.57 4.26 12.71
C ALA A 48 -10.58 5.29 12.20
N ILE A 49 -10.43 6.52 12.66
CA ILE A 49 -11.32 7.63 12.32
C ILE A 49 -10.51 8.85 11.83
N LYS A 50 -10.81 9.31 10.62
CA LYS A 50 -10.27 10.56 10.08
C LYS A 50 -11.34 11.63 10.25
N THR A 51 -10.97 12.74 10.89
CA THR A 51 -11.87 13.86 11.14
C THR A 51 -11.48 15.07 10.31
N LEU A 52 -12.49 15.80 9.82
CA LEU A 52 -12.29 16.99 8.99
C LEU A 52 -12.67 18.23 9.78
N THR A 57 -15.11 25.38 2.97
CA THR A 57 -14.07 24.63 2.30
C THR A 57 -14.66 23.88 1.09
N GLU A 58 -15.73 23.13 1.35
CA GLU A 58 -16.56 22.48 0.32
C GLU A 58 -15.79 21.62 -0.69
N ARG A 59 -15.02 22.27 -1.56
CA ARG A 59 -14.14 21.57 -2.48
C ARG A 59 -13.20 20.64 -1.70
N GLN A 60 -12.75 21.09 -0.53
CA GLN A 60 -11.87 20.31 0.33
C GLN A 60 -12.66 19.19 1.04
N ARG A 61 -13.92 19.47 1.37
CA ARG A 61 -14.84 18.48 1.95
C ARG A 61 -15.11 17.34 0.97
N ARG A 62 -15.34 17.69 -0.29
CA ARG A 62 -15.52 16.70 -1.34
C ARG A 62 -14.20 15.96 -1.61
N GLU A 63 -13.09 16.68 -1.42
CA GLU A 63 -11.76 16.05 -1.55
C GLU A 63 -11.49 15.09 -0.40
N PHE A 64 -11.97 15.43 0.79
CA PHE A 64 -11.86 14.54 1.94
C PHE A 64 -12.69 13.27 1.73
N LEU A 65 -13.96 13.46 1.39
CA LEU A 65 -14.92 12.36 1.29
C LEU A 65 -14.76 11.48 0.05
N SER A 66 -14.06 11.99 -0.96
CA SER A 66 -13.80 11.20 -2.16
C SER A 66 -13.06 9.90 -1.87
N GLU A 67 -12.14 9.94 -0.90
CA GLU A 67 -11.42 8.73 -0.48
C GLU A 67 -12.40 7.63 -0.08
N ALA A 68 -13.43 8.00 0.70
CA ALA A 68 -14.46 7.04 1.14
C ALA A 68 -15.28 6.43 -0.02
N SER A 69 -15.64 7.25 -0.99
CA SER A 69 -16.44 6.75 -2.10
C SER A 69 -15.64 5.79 -2.98
N ILE A 70 -14.35 6.08 -3.18
CA ILE A 70 -13.48 5.12 -3.89
C ILE A 70 -13.31 3.85 -3.06
N MET A 71 -12.90 3.99 -1.80
CA MET A 71 -12.75 2.85 -0.88
C MET A 71 -14.00 1.98 -0.79
N GLY A 72 -15.15 2.63 -0.77
CA GLY A 72 -16.43 1.96 -0.67
C GLY A 72 -16.76 1.08 -1.85
N GLN A 73 -16.05 1.22 -2.97
CA GLN A 73 -16.28 0.38 -4.17
C GLN A 73 -15.72 -1.04 -4.01
N PHE A 74 -14.85 -1.24 -3.02
CA PHE A 74 -14.02 -2.44 -2.95
C PHE A 74 -14.35 -3.34 -1.76
N GLU A 75 -14.19 -4.65 -1.97
CA GLU A 75 -14.32 -5.67 -0.94
C GLU A 75 -13.30 -6.79 -1.23
N HIS A 76 -12.22 -6.80 -0.45
CA HIS A 76 -11.14 -7.74 -0.65
C HIS A 76 -10.31 -7.75 0.64
N PRO A 77 -9.81 -8.93 1.05
CA PRO A 77 -9.06 -8.95 2.31
C PRO A 77 -7.75 -8.17 2.35
N ASN A 78 -7.23 -7.74 1.21
CA ASN A 78 -6.02 -6.90 1.18
C ASN A 78 -6.26 -5.50 0.67
N ILE A 79 -7.51 -5.02 0.82
CA ILE A 79 -7.86 -3.62 0.56
C ILE A 79 -8.57 -3.15 1.81
N ILE A 80 -8.20 -1.98 2.31
CA ILE A 80 -8.72 -1.48 3.58
C ILE A 80 -10.27 -1.45 3.52
N ARG A 81 -10.92 -1.94 4.56
CA ARG A 81 -12.39 -1.91 4.63
C ARG A 81 -12.92 -0.57 5.20
N LEU A 82 -13.84 0.02 4.45
CA LEU A 82 -14.57 1.21 4.88
C LEU A 82 -15.71 0.73 5.77
N GLU A 83 -15.75 1.23 7.01
CA GLU A 83 -16.83 0.89 7.92
C GLU A 83 -17.97 1.88 7.74
N GLY A 84 -17.64 3.12 7.44
CA GLY A 84 -18.65 4.11 7.07
C GLY A 84 -18.14 5.54 7.10
N VAL A 85 -19.09 6.47 6.92
CA VAL A 85 -18.83 7.89 6.92
C VAL A 85 -19.91 8.60 7.76
N VAL A 86 -19.50 9.71 8.36
CA VAL A 86 -20.43 10.63 8.99
C VAL A 86 -20.38 11.91 8.17
N THR A 87 -21.45 12.19 7.42
CA THR A 87 -21.52 13.37 6.54
C THR A 87 -22.75 14.25 6.71
N ASN A 88 -23.78 13.77 7.40
CA ASN A 88 -24.95 14.61 7.72
C ASN A 88 -24.78 15.39 9.02
N SER A 89 -23.72 15.07 9.78
CA SER A 89 -23.33 15.81 10.99
C SER A 89 -21.98 16.46 10.71
N MET A 90 -21.45 17.18 11.69
CA MET A 90 -20.07 17.71 11.63
C MET A 90 -19.42 17.50 13.01
N PRO A 91 -18.11 17.17 13.05
CA PRO A 91 -17.15 17.01 11.95
C PRO A 91 -17.43 15.84 11.02
N VAL A 92 -17.07 16.01 9.76
CA VAL A 92 -17.20 14.96 8.77
C VAL A 92 -16.19 13.87 9.15
N MET A 93 -16.55 12.62 8.93
CA MET A 93 -15.72 11.50 9.36
C MET A 93 -15.69 10.40 8.33
N ILE A 94 -14.56 9.70 8.28
CA ILE A 94 -14.39 8.46 7.53
C ILE A 94 -13.89 7.43 8.54
N LEU A 95 -14.58 6.30 8.61
CA LEU A 95 -14.19 5.22 9.49
C LEU A 95 -13.74 4.01 8.70
N THR A 96 -12.57 3.48 9.06
CA THR A 96 -12.07 2.23 8.49
C THR A 96 -11.81 1.22 9.61
N GLU A 97 -11.68 -0.06 9.24
CA GLU A 97 -11.17 -1.09 10.14
C GLU A 97 -9.82 -0.65 10.71
N PHE A 98 -9.61 -0.85 12.00
CA PHE A 98 -8.40 -0.40 12.65
C PHE A 98 -7.24 -1.34 12.32
N MET A 99 -6.13 -0.79 11.85
CA MET A 99 -4.97 -1.57 11.49
C MET A 99 -3.87 -1.31 12.53
N GLU A 100 -3.75 -2.24 13.45
CA GLU A 100 -3.05 -2.04 14.71
C GLU A 100 -1.57 -1.66 14.55
N ASN A 101 -0.93 -2.16 13.50
CA ASN A 101 0.47 -1.88 13.24
C ASN A 101 0.76 -0.67 12.33
N GLY A 102 -0.28 -0.03 11.82
CA GLY A 102 -0.10 1.23 11.10
C GLY A 102 0.56 1.01 9.75
N ALA A 103 1.32 2.00 9.28
CA ALA A 103 1.89 1.94 7.95
C ALA A 103 3.09 0.99 7.88
N LEU A 104 3.17 0.29 6.77
CA LEU A 104 4.13 -0.78 6.56
C LEU A 104 5.57 -0.31 6.63
N ASP A 105 5.88 0.87 6.08
CA ASP A 105 7.29 1.32 6.06
C ASP A 105 7.83 1.59 7.47
N SER A 106 7.08 2.34 8.27
CA SER A 106 7.51 2.61 9.62
C SER A 106 7.42 1.35 10.52
N PHE A 107 6.41 0.50 10.31
CA PHE A 107 6.30 -0.81 10.99
C PHE A 107 7.54 -1.66 10.76
N LEU A 108 7.99 -1.73 9.50
CA LEU A 108 9.23 -2.48 9.18
C LEU A 108 10.52 -1.86 9.76
N ARG A 109 10.61 -0.54 9.76
CA ARG A 109 11.76 0.11 10.35
C ARG A 109 11.83 -0.21 11.85
N LEU A 110 10.68 -0.22 12.52
CA LEU A 110 10.62 -0.57 13.93
C LEU A 110 11.06 -2.04 14.22
N ASN A 111 10.86 -2.90 13.22
CA ASN A 111 11.10 -4.31 13.33
C ASN A 111 12.22 -4.76 12.38
N ASP A 112 13.20 -3.88 12.19
CA ASP A 112 14.29 -4.13 11.23
C ASP A 112 15.02 -5.44 11.57
N GLY A 113 15.04 -6.35 10.60
CA GLY A 113 15.73 -7.63 10.73
C GLY A 113 14.97 -8.68 11.54
N GLN A 114 13.74 -8.35 11.95
CA GLN A 114 13.04 -9.13 12.98
C GLN A 114 11.93 -10.08 12.48
N PHE A 115 11.64 -10.02 11.19
CA PHE A 115 10.75 -10.98 10.53
C PHE A 115 11.54 -11.81 9.53
N THR A 116 11.06 -13.03 9.28
CA THR A 116 11.73 -13.97 8.41
C THR A 116 11.39 -13.65 6.96
N VAL A 117 12.19 -14.17 6.03
CA VAL A 117 11.93 -13.97 4.61
C VAL A 117 10.53 -14.47 4.26
N ILE A 118 10.12 -15.59 4.84
CA ILE A 118 8.81 -16.15 4.51
C ILE A 118 7.69 -15.22 4.97
N GLN A 119 7.90 -14.57 6.11
CA GLN A 119 6.94 -13.60 6.62
C GLN A 119 6.83 -12.41 5.70
N LEU A 120 7.97 -11.91 5.21
CA LEU A 120 7.98 -10.74 4.34
C LEU A 120 7.33 -11.10 2.98
N VAL A 121 7.56 -12.32 2.49
CA VAL A 121 6.97 -12.73 1.20
C VAL A 121 5.48 -12.86 1.36
N GLY A 122 5.03 -13.29 2.54
CA GLY A 122 3.59 -13.38 2.84
C GLY A 122 2.96 -11.99 2.80
N MET A 123 3.64 -10.99 3.37
CA MET A 123 3.19 -9.60 3.28
C MET A 123 3.10 -9.13 1.83
N LEU A 124 4.16 -9.38 1.08
CA LEU A 124 4.20 -9.00 -0.33
C LEU A 124 3.13 -9.69 -1.17
N ARG A 125 2.85 -10.95 -0.85
CA ARG A 125 1.78 -11.71 -1.52
C ARG A 125 0.40 -11.08 -1.30
N GLY A 126 0.14 -10.69 -0.06
CA GLY A 126 -1.10 -9.97 0.29
C GLY A 126 -1.23 -8.67 -0.47
N ILE A 127 -0.15 -7.89 -0.53
CA ILE A 127 -0.13 -6.65 -1.31
C ILE A 127 -0.41 -6.91 -2.78
N ALA A 128 0.23 -7.95 -3.34
CA ALA A 128 0.02 -8.30 -4.75
C ALA A 128 -1.42 -8.78 -5.04
N SER A 129 -2.05 -9.46 -4.09
CA SER A 129 -3.44 -9.89 -4.25
C SER A 129 -4.37 -8.68 -4.31
N GLY A 130 -4.12 -7.72 -3.43
CA GLY A 130 -4.88 -6.49 -3.46
C GLY A 130 -4.80 -5.80 -4.79
N MET A 131 -3.58 -5.70 -5.32
CA MET A 131 -3.31 -5.03 -6.56
C MET A 131 -3.90 -5.80 -7.73
N ARG A 132 -3.87 -7.13 -7.62
CA ARG A 132 -4.49 -8.01 -8.63
C ARG A 132 -5.99 -7.71 -8.75
N TYR A 133 -6.61 -7.51 -7.59
CA TYR A 133 -8.02 -7.20 -7.51
C TYR A 133 -8.32 -5.79 -8.06
N LEU A 134 -7.50 -4.80 -7.72
CA LEU A 134 -7.67 -3.46 -8.27
C LEU A 134 -7.55 -3.43 -9.79
N ALA A 135 -6.54 -4.10 -10.31
CA ALA A 135 -6.34 -4.18 -11.75
C ALA A 135 -7.48 -4.90 -12.48
N GLU A 136 -8.01 -5.95 -11.86
CA GLU A 136 -9.17 -6.68 -12.39
C GLU A 136 -10.40 -5.76 -12.47
N MET A 137 -10.52 -4.83 -11.51
CA MET A 137 -11.59 -3.82 -11.49
C MET A 137 -11.27 -2.60 -12.38
N SER A 138 -10.20 -2.67 -13.17
CA SER A 138 -9.69 -1.53 -13.95
C SER A 138 -9.38 -0.27 -13.13
N TYR A 139 -8.96 -0.45 -11.87
CA TYR A 139 -8.57 0.66 -11.03
C TYR A 139 -7.04 0.78 -11.01
N VAL A 140 -6.52 1.92 -11.49
CA VAL A 140 -5.07 2.20 -11.42
C VAL A 140 -4.79 3.06 -10.19
N HIS A 141 -3.88 2.61 -9.33
CA HIS A 141 -3.70 3.26 -8.03
C HIS A 141 -2.93 4.57 -8.13
N ARG A 142 -1.80 4.51 -8.86
CA ARG A 142 -0.87 5.63 -9.11
C ARG A 142 0.02 6.05 -7.92
N ASP A 143 -0.27 5.56 -6.72
CA ASP A 143 0.48 5.97 -5.52
C ASP A 143 0.83 4.77 -4.63
N LEU A 144 1.11 3.63 -5.27
CA LEU A 144 1.48 2.42 -4.53
C LEU A 144 2.88 2.61 -3.95
N ALA A 145 2.95 2.57 -2.62
CA ALA A 145 4.17 2.74 -1.86
C ALA A 145 3.94 2.10 -0.47
N ALA A 146 5.02 1.69 0.22
CA ALA A 146 4.88 1.07 1.55
C ALA A 146 4.16 1.97 2.55
N ARG A 147 4.37 3.27 2.42
CA ARG A 147 3.68 4.22 3.28
C ARG A 147 2.17 4.21 3.11
N ASN A 148 1.68 3.67 1.98
CA ASN A 148 0.25 3.62 1.69
C ASN A 148 -0.40 2.25 1.93
N ILE A 149 0.34 1.37 2.60
CA ILE A 149 -0.12 0.02 2.95
C ILE A 149 -0.21 -0.03 4.46
N LEU A 150 -1.31 -0.57 4.99
CA LEU A 150 -1.48 -0.67 6.44
C LEU A 150 -1.39 -2.11 6.86
N VAL A 151 -1.02 -2.34 8.11
CA VAL A 151 -0.72 -3.70 8.57
C VAL A 151 -1.52 -3.98 9.86
N ASN A 152 -2.22 -5.11 9.93
CA ASN A 152 -3.04 -5.43 11.10
C ASN A 152 -2.26 -6.28 12.09
N SER A 153 -2.90 -6.69 13.18
CA SER A 153 -2.21 -7.36 14.27
C SER A 153 -1.71 -8.77 13.86
N ASN A 154 -2.29 -9.36 12.80
CA ASN A 154 -1.85 -10.64 12.25
C ASN A 154 -0.92 -10.50 11.04
N LEU A 155 -0.36 -9.30 10.86
CA LEU A 155 0.57 -8.99 9.78
C LEU A 155 -0.05 -9.02 8.39
N VAL A 156 -1.38 -8.96 8.32
CA VAL A 156 -2.04 -8.85 7.02
C VAL A 156 -1.92 -7.41 6.51
N CYS A 157 -1.40 -7.27 5.29
CA CYS A 157 -1.17 -5.98 4.64
C CYS A 157 -2.33 -5.62 3.72
N LYS A 158 -2.76 -4.37 3.81
CA LYS A 158 -3.88 -3.91 3.03
C LYS A 158 -3.55 -2.60 2.34
N VAL A 159 -3.86 -2.53 1.06
CA VAL A 159 -3.68 -1.33 0.30
C VAL A 159 -4.70 -0.32 0.80
N SER A 160 -4.22 0.88 1.12
CA SER A 160 -5.09 2.05 1.21
C SER A 160 -4.64 3.24 0.34
N ASP A 161 -4.96 4.46 0.78
CA ASP A 161 -4.77 5.66 -0.03
C ASP A 161 -5.59 5.71 -1.29
N PHE A 162 -6.86 5.99 -1.17
CA PHE A 162 -7.72 6.09 -2.33
C PHE A 162 -8.46 7.45 -2.41
N ILE A 185 3.33 13.89 -8.21
CA ILE A 185 3.77 12.54 -8.57
C ILE A 185 4.84 12.06 -7.59
N PRO A 186 4.66 10.87 -6.98
CA PRO A 186 5.72 10.24 -6.16
C PRO A 186 6.82 9.68 -7.06
N ILE A 187 7.76 10.54 -7.42
CA ILE A 187 8.77 10.24 -8.42
C ILE A 187 9.45 8.89 -8.22
N ARG A 188 9.94 8.60 -7.02
CA ARG A 188 10.74 7.38 -6.87
C ARG A 188 9.94 6.08 -6.89
N TRP A 189 8.62 6.19 -6.90
CA TRP A 189 7.75 5.03 -7.00
C TRP A 189 7.13 4.90 -8.40
N THR A 190 7.37 5.91 -9.26
CA THR A 190 6.59 6.06 -10.47
C THR A 190 7.33 5.58 -11.73
N ALA A 191 6.64 4.80 -12.57
CA ALA A 191 7.22 4.29 -13.80
C ALA A 191 7.69 5.41 -14.73
N PRO A 192 8.78 5.18 -15.49
CA PRO A 192 9.32 6.25 -16.33
C PRO A 192 8.34 6.82 -17.38
N GLU A 193 7.49 5.96 -17.96
CA GLU A 193 6.51 6.46 -18.93
C GLU A 193 5.38 7.27 -18.27
N ALA A 194 5.09 7.00 -16.99
CA ALA A 194 4.12 7.78 -16.23
C ALA A 194 4.69 9.15 -15.81
N ILE A 195 5.98 9.19 -15.47
CA ILE A 195 6.68 10.46 -15.24
C ILE A 195 6.77 11.30 -16.54
N ALA A 196 7.23 10.67 -17.63
CA ALA A 196 7.46 11.38 -18.92
C ALA A 196 6.17 11.81 -19.62
N PHE A 197 5.19 10.91 -19.69
CA PHE A 197 3.98 11.11 -20.51
C PHE A 197 2.66 11.13 -19.74
N ARG A 198 2.72 11.04 -18.42
CA ARG A 198 1.52 10.95 -17.58
C ARG A 198 0.65 9.77 -17.96
N LYS A 199 1.28 8.71 -18.47
CA LYS A 199 0.59 7.48 -18.84
C LYS A 199 0.58 6.53 -17.64
N PHE A 200 -0.55 6.50 -16.92
CA PHE A 200 -0.72 5.68 -15.73
C PHE A 200 -1.59 4.47 -16.06
N THR A 201 -1.06 3.26 -15.83
CA THR A 201 -1.74 2.01 -16.16
C THR A 201 -1.47 0.99 -15.05
N SER A 202 -2.15 -0.14 -15.05
CA SER A 202 -1.80 -1.19 -14.08
C SER A 202 -0.35 -1.62 -14.23
N ALA A 203 0.22 -1.43 -15.43
CA ALA A 203 1.64 -1.73 -15.67
C ALA A 203 2.58 -0.73 -15.04
N SER A 204 2.18 0.54 -14.93
CA SER A 204 2.93 1.49 -14.12
C SER A 204 2.77 1.19 -12.61
N ASP A 205 1.61 0.67 -12.20
CA ASP A 205 1.46 0.17 -10.83
C ASP A 205 2.36 -1.03 -10.55
N ALA A 206 2.62 -1.85 -11.57
CA ALA A 206 3.50 -2.99 -11.40
C ALA A 206 4.92 -2.52 -11.13
N TRP A 207 5.35 -1.45 -11.81
CA TRP A 207 6.64 -0.79 -11.48
C TRP A 207 6.66 -0.37 -10.01
N SER A 208 5.64 0.37 -9.57
CA SER A 208 5.56 0.79 -8.16
C SER A 208 5.61 -0.41 -7.19
N TYR A 209 4.92 -1.50 -7.54
CA TYR A 209 4.91 -2.70 -6.72
C TYR A 209 6.34 -3.22 -6.54
N GLY A 210 7.10 -3.21 -7.62
CA GLY A 210 8.53 -3.60 -7.52
C GLY A 210 9.29 -2.75 -6.52
N ILE A 211 9.01 -1.45 -6.48
CA ILE A 211 9.62 -0.56 -5.49
C ILE A 211 9.17 -0.97 -4.07
N VAL A 212 7.88 -1.31 -3.91
CA VAL A 212 7.36 -1.77 -2.61
C VAL A 212 8.04 -3.08 -2.18
N MET A 213 8.25 -4.00 -3.09
CA MET A 213 9.05 -5.20 -2.81
C MET A 213 10.40 -4.83 -2.23
N TRP A 214 11.06 -3.84 -2.85
CA TRP A 214 12.39 -3.38 -2.39
C TRP A 214 12.33 -2.75 -0.98
N GLU A 215 11.30 -1.94 -0.75
CA GLU A 215 11.05 -1.35 0.58
C GLU A 215 10.88 -2.42 1.64
N VAL A 216 10.10 -3.45 1.31
CA VAL A 216 9.82 -4.51 2.28
C VAL A 216 11.09 -5.30 2.62
N MET A 217 11.80 -5.71 1.58
CA MET A 217 12.97 -6.53 1.76
C MET A 217 14.12 -5.75 2.40
N SER A 218 14.06 -4.42 2.31
CA SER A 218 14.99 -3.55 3.01
C SER A 218 14.53 -3.09 4.40
N PHE A 219 13.40 -3.60 4.90
CA PHE A 219 12.78 -3.14 6.16
C PHE A 219 12.56 -1.62 6.22
N GLY A 220 12.02 -1.09 5.13
CA GLY A 220 11.51 0.28 5.12
C GLY A 220 12.57 1.33 4.86
N GLU A 221 13.65 0.97 4.17
CA GLU A 221 14.58 1.98 3.73
C GLU A 221 13.97 2.81 2.60
N ARG A 222 14.43 4.05 2.47
CA ARG A 222 13.96 4.95 1.42
C ARG A 222 14.54 4.57 0.04
N PRO A 223 13.66 4.34 -0.96
CA PRO A 223 14.17 4.00 -2.29
C PRO A 223 15.11 5.09 -2.83
N TYR A 224 16.26 4.67 -3.33
CA TYR A 224 17.27 5.60 -3.91
C TYR A 224 17.91 6.52 -2.88
N TRP A 225 17.83 6.12 -1.61
CA TRP A 225 18.38 6.84 -0.47
C TRP A 225 18.28 8.37 -0.67
N ASP A 226 19.41 9.06 -0.71
CA ASP A 226 19.41 10.52 -0.79
C ASP A 226 19.52 11.09 -2.21
N MET A 227 19.47 10.24 -3.25
CA MET A 227 19.43 10.76 -4.61
C MET A 227 18.27 11.73 -4.69
N SER A 228 18.42 12.81 -5.44
CA SER A 228 17.32 13.73 -5.69
C SER A 228 16.33 13.10 -6.66
N ASN A 229 15.14 13.70 -6.77
CA ASN A 229 14.14 13.26 -7.74
C ASN A 229 14.68 13.27 -9.17
N GLN A 230 15.33 14.38 -9.57
CA GLN A 230 15.88 14.49 -10.93
C GLN A 230 17.00 13.47 -11.17
N ASP A 231 17.85 13.26 -10.17
CA ASP A 231 18.88 12.22 -10.29
C ASP A 231 18.24 10.82 -10.48
N VAL A 232 17.11 10.58 -9.82
CA VAL A 232 16.40 9.30 -9.96
C VAL A 232 15.87 9.13 -11.38
N ILE A 233 15.27 10.19 -11.92
CA ILE A 233 14.73 10.18 -13.29
C ILE A 233 15.83 9.87 -14.30
N ASN A 234 16.98 10.52 -14.11
CA ASN A 234 18.10 10.39 -15.04
C ASN A 234 18.76 9.03 -14.93
N ALA A 235 18.90 8.55 -13.70
CA ALA A 235 19.51 7.23 -13.45
C ALA A 235 18.71 6.09 -14.08
N ILE A 236 17.39 6.13 -13.91
CA ILE A 236 16.49 5.13 -14.48
C ILE A 236 16.52 5.14 -16.00
N GLU A 237 16.49 6.32 -16.59
CA GLU A 237 16.60 6.48 -18.05
C GLU A 237 17.93 5.94 -18.57
N GLN A 238 18.98 6.05 -17.74
CA GLN A 238 20.32 5.53 -18.05
C GLN A 238 20.59 4.15 -17.44
N ASP A 239 19.53 3.41 -17.17
CA ASP A 239 19.56 1.96 -16.93
C ASP A 239 19.93 1.53 -15.50
N TYR A 240 20.02 2.50 -14.59
CA TYR A 240 20.27 2.18 -13.19
C TYR A 240 19.00 1.53 -12.64
N ARG A 241 19.17 0.51 -11.80
CA ARG A 241 18.07 -0.11 -11.03
C ARG A 241 18.58 -0.36 -9.62
N LEU A 242 17.69 -0.31 -8.62
CA LEU A 242 18.09 -0.53 -7.23
C LEU A 242 18.68 -1.93 -7.05
N PRO A 243 19.72 -2.07 -6.21
CA PRO A 243 20.38 -3.34 -5.99
C PRO A 243 19.58 -4.23 -5.00
N PRO A 244 19.92 -5.53 -4.91
CA PRO A 244 19.20 -6.33 -3.93
C PRO A 244 19.49 -5.82 -2.52
N PRO A 245 18.45 -5.66 -1.69
CA PRO A 245 18.69 -5.37 -0.27
C PRO A 245 19.50 -6.47 0.41
N PRO A 246 20.16 -6.17 1.55
CA PRO A 246 20.93 -7.21 2.25
C PRO A 246 20.07 -8.42 2.54
N ASP A 247 20.63 -9.62 2.35
CA ASP A 247 19.94 -10.88 2.61
C ASP A 247 18.76 -11.19 1.70
N CYS A 248 18.51 -10.36 0.69
CA CYS A 248 17.34 -10.55 -0.17
C CYS A 248 17.55 -11.73 -1.11
N PRO A 249 16.62 -12.70 -1.09
CA PRO A 249 16.66 -13.77 -2.09
C PRO A 249 16.76 -13.24 -3.54
N THR A 250 17.64 -13.84 -4.32
CA THR A 250 17.82 -13.46 -5.71
C THR A 250 16.55 -13.57 -6.53
N SER A 251 15.72 -14.57 -6.25
CA SER A 251 14.45 -14.73 -6.96
C SER A 251 13.50 -13.53 -6.73
N LEU A 252 13.54 -12.92 -5.54
CA LEU A 252 12.73 -11.71 -5.29
C LEU A 252 13.31 -10.48 -5.99
N HIS A 253 14.64 -10.34 -5.97
CA HIS A 253 15.25 -9.24 -6.70
C HIS A 253 15.04 -9.33 -8.22
N GLN A 254 15.02 -10.54 -8.78
CA GLN A 254 14.73 -10.70 -10.19
C GLN A 254 13.27 -10.34 -10.49
N LEU A 255 12.37 -10.66 -9.57
CA LEU A 255 10.99 -10.21 -9.71
C LEU A 255 10.91 -8.69 -9.69
N MET A 256 11.68 -8.03 -8.82
CA MET A 256 11.76 -6.55 -8.86
C MET A 256 12.25 -6.04 -10.23
N LEU A 257 13.32 -6.64 -10.74
CA LEU A 257 13.86 -6.25 -12.06
C LEU A 257 12.83 -6.42 -13.18
N ASP A 258 12.04 -7.48 -13.12
CA ASP A 258 10.97 -7.73 -14.09
C ASP A 258 9.94 -6.60 -14.06
N CYS A 259 9.53 -6.22 -12.85
CA CYS A 259 8.64 -5.07 -12.60
C CYS A 259 9.19 -3.74 -13.07
N TRP A 260 10.51 -3.62 -13.14
CA TRP A 260 11.17 -2.38 -13.55
C TRP A 260 11.69 -2.39 -14.99
N GLN A 261 11.15 -3.25 -15.83
CA GLN A 261 11.48 -3.20 -17.23
C GLN A 261 10.96 -1.90 -17.84
N LYS A 262 11.78 -1.30 -18.72
CA LYS A 262 11.44 -0.02 -19.34
C LYS A 262 10.21 -0.16 -20.20
N ASP A 263 10.17 -1.22 -20.98
CA ASP A 263 8.97 -1.59 -21.73
C ASP A 263 7.85 -2.08 -20.81
N ARG A 264 6.80 -1.29 -20.69
CA ARG A 264 5.73 -1.60 -19.74
C ARG A 264 4.98 -2.89 -20.04
N ASN A 265 4.90 -3.24 -21.33
CA ASN A 265 4.26 -4.46 -21.77
C ASN A 265 5.03 -5.72 -21.34
N ALA A 266 6.33 -5.54 -21.08
CA ALA A 266 7.20 -6.65 -20.68
C ALA A 266 7.10 -6.98 -19.18
N ARG A 267 6.53 -6.06 -18.40
CA ARG A 267 6.41 -6.25 -16.96
C ARG A 267 5.37 -7.31 -16.64
N PRO A 268 5.58 -8.07 -15.56
CA PRO A 268 4.51 -9.04 -15.21
C PRO A 268 3.23 -8.32 -14.81
N ARG A 269 2.09 -8.91 -15.18
CA ARG A 269 0.81 -8.45 -14.68
C ARG A 269 0.62 -9.00 -13.26
N PHE A 270 -0.33 -8.45 -12.52
CA PHE A 270 -0.46 -8.83 -11.11
C PHE A 270 -0.83 -10.29 -10.84
N PRO A 271 -1.64 -10.92 -11.71
CA PRO A 271 -1.85 -12.37 -11.53
C PRO A 271 -0.58 -13.20 -11.61
N GLN A 272 0.34 -12.82 -12.51
CA GLN A 272 1.63 -13.52 -12.63
C GLN A 272 2.51 -13.23 -11.41
N VAL A 273 2.39 -12.02 -10.86
CA VAL A 273 3.13 -11.66 -9.64
C VAL A 273 2.70 -12.53 -8.45
N VAL A 274 1.40 -12.65 -8.24
CA VAL A 274 0.85 -13.46 -7.17
C VAL A 274 1.26 -14.93 -7.36
N SER A 275 1.11 -15.43 -8.59
CA SER A 275 1.46 -16.80 -8.87
C SER A 275 2.98 -17.06 -8.65
N ALA A 276 3.84 -16.11 -9.01
CA ALA A 276 5.26 -16.17 -8.71
C ALA A 276 5.56 -16.24 -7.19
N LEU A 277 4.88 -15.43 -6.40
CA LEU A 277 5.04 -15.45 -4.95
C LEU A 277 4.51 -16.75 -4.34
N ASP A 278 3.36 -17.22 -4.83
CA ASP A 278 2.81 -18.49 -4.37
C ASP A 278 3.77 -19.66 -4.62
N LYS A 279 4.43 -19.68 -5.78
CA LYS A 279 5.43 -20.73 -6.06
C LYS A 279 6.60 -20.67 -5.07
N MET A 280 7.08 -19.46 -4.79
CA MET A 280 8.16 -19.25 -3.81
C MET A 280 7.74 -19.68 -2.40
N ILE A 281 6.49 -19.44 -2.04
CA ILE A 281 5.98 -19.83 -0.73
C ILE A 281 5.85 -21.37 -0.63
N ARG A 282 5.42 -22.01 -1.71
CA ARG A 282 5.23 -23.46 -1.70
C ARG A 282 6.54 -24.19 -1.76
N ASN A 283 7.53 -23.58 -2.40
CA ASN A 283 8.83 -24.18 -2.57
C ASN A 283 9.90 -23.27 -1.99
N PRO A 284 9.91 -23.11 -0.65
CA PRO A 284 10.74 -22.12 0.04
C PRO A 284 12.27 -22.30 -0.10
N ALA A 285 12.72 -23.46 -0.53
CA ALA A 285 14.14 -23.66 -0.86
C ALA A 285 14.63 -22.66 -1.91
N SER A 286 13.72 -22.26 -2.81
CA SER A 286 14.02 -21.26 -3.83
C SER A 286 14.51 -19.93 -3.23
N LEU A 287 14.03 -19.62 -2.03
CA LEU A 287 14.35 -18.37 -1.34
C LEU A 287 15.68 -18.36 -0.58
N LYS A 288 16.48 -19.42 -0.70
CA LYS A 288 17.76 -19.52 0.02
C LYS A 288 18.94 -18.90 -0.73
N ILE A 289 18.86 -18.86 -2.06
CA ILE A 289 19.92 -18.28 -2.88
C ILE A 289 19.86 -16.75 -2.77
N VAL A 290 20.97 -16.15 -2.32
CA VAL A 290 21.05 -14.72 -2.01
C VAL A 290 22.14 -14.03 -2.81
#